data_4U5J
#
_entry.id   4U5J
#
_cell.length_a   42.107
_cell.length_b   63.228
_cell.length_c   73.989
_cell.angle_alpha   79.27
_cell.angle_beta   89.27
_cell.angle_gamma   90.29
#
_symmetry.space_group_name_H-M   'P 1'
#
loop_
_entity.id
_entity.type
_entity.pdbx_description
1 polymer 'Proto-oncogene tyrosine-protein kinase Src'
2 non-polymer (3R)-3-cyclopentyl-3-[4-(7H-pyrrolo[2,3-d]pyrimidin-4-yl)-1H-pyrazol-1-yl]propanenitrile
3 water water
#
_entity_poly.entity_id   1
_entity_poly.type   'polypeptide(L)'
_entity_poly.pdbx_seq_one_letter_code
;GHMQTQGLAKDAWEIPRESLRLEVKLGQGCFGEVWMGTWNGTTRVAIKTLKPGTMSPEAFLQEAQVMKKLRHEKLVQLYA
VVSEEPIYIVTEYMSKGSLLDFLKGEMGKYLRLPQLVDMAAQIASGMAYVERMNYVHRDLRAANILVGENLVCKVADFGL
ARLIEDNEYTARQGAKFPIKWTAPEAALYGRFTIKSDVWSFGILLTELTTKGRVPYPGMVNREVLDQVERGYRMPCPPEC
PESLHDLMCQCWRKDPEERPTFEYLQAFLEDYFTSTEPQYQPGENL
;
_entity_poly.pdbx_strand_id   A,B
#
# COMPACT_ATOMS: atom_id res chain seq x y z
N ALA A 12 -36.48 14.96 -6.19
CA ALA A 12 -35.68 16.17 -6.33
C ALA A 12 -34.44 15.99 -7.21
N TRP A 13 -34.14 14.75 -7.60
CA TRP A 13 -33.10 14.55 -8.61
C TRP A 13 -33.68 14.82 -9.98
N GLU A 14 -35.02 14.80 -10.06
CA GLU A 14 -35.76 15.01 -11.30
C GLU A 14 -35.46 16.32 -12.03
N ILE A 15 -35.36 16.26 -13.36
CA ILE A 15 -35.24 17.45 -14.20
C ILE A 15 -36.18 17.36 -15.40
N PRO A 16 -36.51 18.50 -16.01
CA PRO A 16 -37.32 18.36 -17.22
C PRO A 16 -36.45 17.84 -18.38
N ARG A 17 -37.03 17.06 -19.28
CA ARG A 17 -36.27 16.43 -20.35
C ARG A 17 -35.78 17.45 -21.38
N GLU A 18 -36.48 18.58 -21.48
CA GLU A 18 -36.10 19.62 -22.43
C GLU A 18 -34.87 20.38 -21.91
N SER A 19 -34.44 20.02 -20.71
CA SER A 19 -33.23 20.57 -20.08
C SER A 19 -31.97 19.99 -20.72
N LEU A 20 -32.14 18.90 -21.47
CA LEU A 20 -31.03 18.13 -22.04
C LEU A 20 -30.95 18.22 -23.57
N ARG A 21 -29.73 18.40 -24.07
CA ARG A 21 -29.52 18.22 -25.50
C ARG A 21 -28.52 17.07 -25.72
N LEU A 22 -29.01 15.94 -26.22
CA LEU A 22 -28.14 14.86 -26.66
C LEU A 22 -27.41 15.29 -27.93
N GLU A 23 -26.17 14.84 -28.10
CA GLU A 23 -25.37 15.29 -29.24
C GLU A 23 -24.57 14.16 -29.90
N VAL A 24 -23.50 13.74 -29.22
CA VAL A 24 -22.62 12.70 -29.74
C VAL A 24 -22.89 11.37 -29.06
N LYS A 25 -22.83 10.27 -29.80
CA LYS A 25 -22.92 8.96 -29.16
C LYS A 25 -21.52 8.51 -28.74
N LEU A 26 -21.44 7.87 -27.58
CA LEU A 26 -20.17 7.42 -27.05
C LEU A 26 -20.09 5.90 -27.05
N GLY A 27 -21.22 5.26 -26.80
CA GLY A 27 -21.29 3.82 -26.82
C GLY A 27 -22.73 3.38 -26.78
N GLN A 28 -22.95 2.08 -26.87
CA GLN A 28 -24.30 1.54 -26.73
C GLN A 28 -24.26 0.10 -26.22
N GLY A 29 -24.84 -0.13 -25.05
CA GLY A 29 -24.99 -1.47 -24.51
C GLY A 29 -26.23 -2.12 -25.09
N CYS A 30 -26.46 -3.38 -24.77
CA CYS A 30 -27.63 -4.07 -25.30
C CYS A 30 -28.87 -3.92 -24.39
N PHE A 31 -28.79 -3.02 -23.41
CA PHE A 31 -29.98 -2.60 -22.65
C PHE A 31 -30.18 -1.08 -22.73
N GLY A 32 -29.47 -0.42 -23.63
CA GLY A 32 -29.63 1.01 -23.82
C GLY A 32 -28.40 1.68 -24.38
N GLU A 33 -28.43 3.00 -24.47
CA GLU A 33 -27.37 3.79 -25.11
C GLU A 33 -26.72 4.80 -24.15
N VAL A 34 -25.59 5.37 -24.56
CA VAL A 34 -24.95 6.45 -23.80
C VAL A 34 -24.43 7.56 -24.69
N TRP A 35 -24.91 8.76 -24.40
CA TRP A 35 -24.62 9.94 -25.20
C TRP A 35 -23.93 11.02 -24.42
N MET A 36 -23.07 11.78 -25.09
CA MET A 36 -22.60 13.01 -24.48
C MET A 36 -23.56 14.13 -24.83
N GLY A 37 -23.89 14.97 -23.85
CA GLY A 37 -24.88 16.00 -24.07
C GLY A 37 -24.60 17.31 -23.38
N THR A 38 -25.65 18.12 -23.28
CA THR A 38 -25.57 19.41 -22.61
C THR A 38 -26.77 19.55 -21.67
N TRP A 39 -26.49 20.00 -20.45
CA TRP A 39 -27.54 20.19 -19.44
C TRP A 39 -27.75 21.68 -19.16
N ASN A 40 -29.01 22.12 -19.26
CA ASN A 40 -29.36 23.54 -19.07
C ASN A 40 -28.53 24.48 -19.95
N GLY A 41 -28.07 24.00 -21.09
CA GLY A 41 -27.25 24.78 -21.99
C GLY A 41 -25.89 25.23 -21.44
N THR A 42 -25.48 24.70 -20.30
CA THR A 42 -24.28 25.20 -19.63
C THR A 42 -23.28 24.11 -19.19
N THR A 43 -23.80 22.93 -18.87
CA THR A 43 -23.01 21.87 -18.28
C THR A 43 -22.87 20.71 -19.28
N ARG A 44 -21.63 20.32 -19.55
CA ARG A 44 -21.38 19.12 -20.33
C ARG A 44 -21.66 17.88 -19.49
N VAL A 45 -22.48 16.99 -20.01
CA VAL A 45 -22.85 15.79 -19.27
C VAL A 45 -22.80 14.54 -20.13
N ALA A 46 -23.04 13.41 -19.50
CA ALA A 46 -23.23 12.15 -20.16
C ALA A 46 -24.63 11.65 -19.83
N ILE A 47 -25.32 11.12 -20.83
CA ILE A 47 -26.72 10.73 -20.66
C ILE A 47 -26.91 9.29 -21.06
N LYS A 48 -27.13 8.43 -20.07
CA LYS A 48 -27.50 7.06 -20.31
C LYS A 48 -28.97 6.99 -20.68
N THR A 49 -29.25 6.45 -21.85
CA THR A 49 -30.62 6.30 -22.33
C THR A 49 -31.04 4.83 -22.29
N LEU A 50 -32.34 4.59 -22.44
CA LEU A 50 -32.88 3.23 -22.39
C LEU A 50 -33.34 2.74 -23.76
N LYS A 51 -33.05 1.48 -24.09
CA LYS A 51 -33.66 0.87 -25.26
C LYS A 51 -35.10 0.52 -24.88
N PRO A 52 -36.07 1.26 -25.46
CA PRO A 52 -37.48 1.22 -25.04
C PRO A 52 -38.11 -0.15 -25.26
N GLY A 53 -37.85 -1.09 -24.36
CA GLY A 53 -38.41 -2.42 -24.47
C GLY A 53 -37.49 -3.52 -23.99
N THR A 54 -36.20 -3.22 -23.85
CA THR A 54 -35.23 -4.24 -23.45
C THR A 54 -35.47 -4.76 -22.04
N MET A 55 -35.65 -3.83 -21.10
CA MET A 55 -35.89 -4.21 -19.71
C MET A 55 -36.75 -3.18 -19.00
N SER A 56 -37.33 -3.60 -17.87
CA SER A 56 -38.27 -2.77 -17.12
C SER A 56 -37.68 -1.41 -16.79
N PRO A 57 -38.49 -0.35 -16.92
CA PRO A 57 -38.07 1.00 -16.53
C PRO A 57 -37.63 1.06 -15.08
N GLU A 58 -38.22 0.25 -14.21
CA GLU A 58 -37.87 0.25 -12.79
C GLU A 58 -36.52 -0.43 -12.57
N ALA A 59 -36.21 -1.39 -13.43
CA ALA A 59 -34.91 -2.06 -13.41
C ALA A 59 -33.82 -1.12 -13.89
N PHE A 60 -34.14 -0.29 -14.88
CA PHE A 60 -33.20 0.72 -15.39
C PHE A 60 -32.92 1.80 -14.35
N LEU A 61 -33.96 2.18 -13.61
CA LEU A 61 -33.85 3.26 -12.63
C LEU A 61 -33.17 2.85 -11.33
N GLN A 62 -33.15 1.56 -11.04
CA GLN A 62 -32.47 1.10 -9.83
C GLN A 62 -30.99 1.47 -9.85
N GLU A 63 -30.41 1.58 -11.06
CA GLU A 63 -29.03 2.04 -11.20
C GLU A 63 -28.87 3.48 -10.70
N ALA A 64 -29.89 4.31 -10.96
CA ALA A 64 -29.92 5.69 -10.48
C ALA A 64 -30.22 5.76 -8.98
N GLN A 65 -31.05 4.83 -8.53
CA GLN A 65 -31.42 4.69 -7.12
C GLN A 65 -30.17 4.57 -6.26
N VAL A 66 -29.31 3.65 -6.69
CA VAL A 66 -28.03 3.37 -6.08
C VAL A 66 -27.10 4.57 -6.13
N MET A 67 -26.97 5.19 -7.31
CA MET A 67 -26.09 6.34 -7.51
C MET A 67 -26.54 7.56 -6.71
N LYS A 68 -27.84 7.62 -6.36
CA LYS A 68 -28.36 8.71 -5.52
C LYS A 68 -27.75 8.65 -4.13
N LYS A 69 -27.52 7.44 -3.63
CA LYS A 69 -26.97 7.24 -2.30
C LYS A 69 -25.44 7.36 -2.24
N LEU A 70 -24.77 7.21 -3.38
CA LEU A 70 -23.29 7.23 -3.37
C LEU A 70 -22.74 8.55 -3.87
N ARG A 71 -21.66 9.01 -3.26
CA ARG A 71 -21.05 10.27 -3.65
C ARG A 71 -19.60 10.24 -3.19
N HIS A 72 -18.69 10.12 -4.15
CA HIS A 72 -17.27 9.99 -3.87
C HIS A 72 -16.49 10.47 -5.09
N GLU A 73 -15.29 11.01 -4.89
CA GLU A 73 -14.59 11.60 -6.02
C GLU A 73 -14.17 10.55 -7.04
N LYS A 74 -14.13 9.27 -6.63
CA LYS A 74 -13.70 8.18 -7.52
C LYS A 74 -14.85 7.30 -7.99
N LEU A 75 -16.08 7.77 -7.84
CA LEU A 75 -17.21 7.12 -8.48
C LEU A 75 -17.83 8.13 -9.41
N VAL A 76 -18.27 7.70 -10.58
CA VAL A 76 -18.91 8.62 -11.50
C VAL A 76 -20.15 9.20 -10.83
N GLN A 77 -20.31 10.51 -10.92
CA GLN A 77 -21.32 11.23 -10.15
C GLN A 77 -22.65 11.37 -10.89
N LEU A 78 -23.73 10.97 -10.23
CA LEU A 78 -25.07 11.25 -10.73
C LEU A 78 -25.34 12.75 -10.70
N TYR A 79 -25.95 13.25 -11.76
CA TYR A 79 -26.36 14.65 -11.82
C TYR A 79 -27.88 14.80 -11.73
N ALA A 80 -28.61 13.92 -12.43
CA ALA A 80 -30.04 14.12 -12.60
C ALA A 80 -30.70 12.90 -13.22
N VAL A 81 -32.03 12.88 -13.20
CA VAL A 81 -32.81 11.76 -13.71
C VAL A 81 -34.09 12.27 -14.39
N VAL A 82 -34.47 11.60 -15.48
CA VAL A 82 -35.79 11.77 -16.07
C VAL A 82 -36.49 10.42 -15.93
N SER A 83 -37.48 10.33 -15.06
CA SER A 83 -38.01 9.02 -14.71
C SER A 83 -39.32 8.68 -15.42
N GLU A 84 -39.64 9.45 -16.47
CA GLU A 84 -40.79 9.13 -17.31
C GLU A 84 -40.34 8.87 -18.75
N GLU A 85 -40.78 7.76 -19.34
CA GLU A 85 -40.36 7.34 -20.68
C GLU A 85 -40.48 8.46 -21.72
N PRO A 86 -39.41 8.68 -22.51
CA PRO A 86 -38.14 7.95 -22.43
C PRO A 86 -37.26 8.36 -21.25
N ILE A 87 -36.75 7.36 -20.53
CA ILE A 87 -35.95 7.56 -19.33
C ILE A 87 -34.50 8.02 -19.61
N TYR A 88 -33.98 8.91 -18.78
CA TYR A 88 -32.59 9.36 -18.86
C TYR A 88 -31.88 9.36 -17.51
N ILE A 89 -30.68 8.80 -17.46
CA ILE A 89 -29.83 8.97 -16.30
C ILE A 89 -28.68 9.88 -16.71
N VAL A 90 -28.52 10.98 -15.99
CA VAL A 90 -27.54 11.99 -16.35
C VAL A 90 -26.38 11.98 -15.34
N THR A 91 -25.15 11.94 -15.84
CA THR A 91 -23.98 11.82 -14.97
C THR A 91 -22.88 12.76 -15.43
N GLU A 92 -21.82 12.89 -14.64
CA GLU A 92 -20.66 13.66 -15.08
C GLU A 92 -20.06 12.99 -16.29
N TYR A 93 -19.38 13.79 -17.11
CA TYR A 93 -18.79 13.31 -18.35
C TYR A 93 -17.32 12.99 -18.18
N MET A 94 -16.91 11.80 -18.63
CA MET A 94 -15.52 11.39 -18.53
C MET A 94 -14.86 11.39 -19.92
N SER A 95 -13.87 12.26 -20.08
CA SER A 95 -13.39 12.66 -21.40
C SER A 95 -12.51 11.62 -22.12
N LYS A 96 -11.97 10.65 -21.39
CA LYS A 96 -11.05 9.68 -21.97
C LYS A 96 -11.67 8.31 -22.17
N GLY A 97 -12.97 8.17 -21.90
CA GLY A 97 -13.66 6.89 -22.10
C GLY A 97 -13.26 5.73 -21.17
N SER A 98 -13.62 4.50 -21.53
CA SER A 98 -13.40 3.37 -20.62
C SER A 98 -11.92 3.08 -20.46
N LEU A 99 -11.53 2.62 -19.27
CA LEU A 99 -10.16 2.20 -19.00
C LEU A 99 -9.73 1.08 -19.93
N LEU A 100 -10.63 0.14 -20.19
CA LEU A 100 -10.31 -0.95 -21.11
C LEU A 100 -9.89 -0.39 -22.49
N ASP A 101 -10.69 0.50 -23.06
CA ASP A 101 -10.31 1.12 -24.35
C ASP A 101 -9.02 1.93 -24.26
N PHE A 102 -8.81 2.59 -23.13
CA PHE A 102 -7.62 3.37 -22.90
C PHE A 102 -6.35 2.52 -22.85
N LEU A 103 -6.43 1.39 -22.15
CA LEU A 103 -5.31 0.46 -22.08
C LEU A 103 -5.04 -0.18 -23.44
N LYS A 104 -6.11 -0.46 -24.20
CA LYS A 104 -5.96 -1.10 -25.52
C LYS A 104 -5.56 -0.08 -26.56
N GLY A 105 -5.89 1.18 -26.33
CA GLY A 105 -5.58 2.21 -27.30
C GLY A 105 -4.11 2.61 -27.43
N GLU A 106 -3.89 3.74 -28.10
CA GLU A 106 -2.54 4.21 -28.38
C GLU A 106 -1.80 4.74 -27.13
N MET A 107 -2.54 5.04 -26.06
CA MET A 107 -1.89 5.44 -24.80
C MET A 107 -1.27 4.24 -24.10
N GLY A 108 -1.86 3.08 -24.32
CA GLY A 108 -1.49 1.87 -23.63
C GLY A 108 -0.01 1.57 -23.55
N LYS A 109 0.69 1.69 -24.68
CA LYS A 109 2.07 1.28 -24.72
C LYS A 109 2.99 2.22 -23.91
N TYR A 110 2.56 3.44 -23.67
CA TYR A 110 3.39 4.36 -22.89
C TYR A 110 3.18 4.28 -21.36
N LEU A 111 2.00 3.81 -20.93
CA LEU A 111 1.76 3.56 -19.50
C LEU A 111 2.76 2.59 -18.91
N ARG A 112 3.39 2.98 -17.82
CA ARG A 112 4.25 2.05 -17.11
C ARG A 112 3.62 1.74 -15.74
N LEU A 113 4.28 0.86 -14.98
CA LEU A 113 3.80 0.46 -13.66
C LEU A 113 3.36 1.62 -12.74
N PRO A 114 4.16 2.70 -12.62
CA PRO A 114 3.70 3.78 -11.73
C PRO A 114 2.37 4.44 -12.13
N GLN A 115 2.07 4.56 -13.41
CA GLN A 115 0.76 5.08 -13.81
C GLN A 115 -0.32 4.01 -13.61
N LEU A 116 0.05 2.75 -13.82
CA LEU A 116 -0.93 1.69 -13.71
C LEU A 116 -1.29 1.48 -12.25
N VAL A 117 -0.31 1.51 -11.35
CA VAL A 117 -0.57 1.31 -9.92
C VAL A 117 -1.37 2.48 -9.36
N ASP A 118 -1.11 3.68 -9.86
CA ASP A 118 -1.88 4.84 -9.40
C ASP A 118 -3.33 4.77 -9.86
N MET A 119 -3.56 4.22 -11.04
CA MET A 119 -4.93 3.99 -11.50
C MET A 119 -5.62 2.95 -10.58
N ALA A 120 -4.90 1.89 -10.25
CA ALA A 120 -5.42 0.87 -9.36
C ALA A 120 -5.78 1.46 -7.96
N ALA A 121 -4.94 2.37 -7.45
CA ALA A 121 -5.14 3.00 -6.15
C ALA A 121 -6.44 3.80 -6.10
N GLN A 122 -6.67 4.56 -7.16
CA GLN A 122 -7.89 5.32 -7.32
C GLN A 122 -9.12 4.43 -7.33
N ILE A 123 -9.06 3.33 -8.07
CA ILE A 123 -10.19 2.41 -8.15
C ILE A 123 -10.42 1.80 -6.76
N ALA A 124 -9.34 1.43 -6.07
CA ALA A 124 -9.44 0.89 -4.74
C ALA A 124 -10.02 1.93 -3.79
N SER A 125 -9.74 3.21 -4.05
CA SER A 125 -10.30 4.27 -3.23
C SER A 125 -11.83 4.36 -3.38
N GLY A 126 -12.31 4.45 -4.61
CA GLY A 126 -13.74 4.42 -4.83
C GLY A 126 -14.41 3.18 -4.25
N MET A 127 -13.75 2.03 -4.37
CA MET A 127 -14.34 0.77 -3.90
C MET A 127 -14.33 0.64 -2.37
N ALA A 128 -13.33 1.21 -1.74
CA ALA A 128 -13.25 1.24 -0.28
C ALA A 128 -14.39 2.09 0.25
N TYR A 129 -14.77 3.09 -0.52
CA TYR A 129 -15.95 3.88 -0.17
C TYR A 129 -17.21 3.02 -0.30
N VAL A 130 -17.29 2.23 -1.36
CA VAL A 130 -18.42 1.32 -1.56
C VAL A 130 -18.50 0.32 -0.41
N GLU A 131 -17.33 -0.20 -0.04
CA GLU A 131 -17.17 -1.07 1.11
C GLU A 131 -17.73 -0.45 2.40
N ARG A 132 -17.28 0.77 2.75
CA ARG A 132 -17.77 1.50 3.93
C ARG A 132 -19.28 1.69 3.98
N MET A 133 -19.90 1.91 2.82
CA MET A 133 -21.33 2.18 2.73
C MET A 133 -22.17 0.90 2.64
N ASN A 134 -21.51 -0.25 2.70
CA ASN A 134 -22.17 -1.55 2.65
C ASN A 134 -22.91 -1.81 1.33
N TYR A 135 -22.29 -1.35 0.25
CA TYR A 135 -22.75 -1.74 -1.07
C TYR A 135 -21.83 -2.81 -1.70
N VAL A 136 -22.36 -3.48 -2.71
CA VAL A 136 -21.59 -4.37 -3.56
C VAL A 136 -21.75 -3.81 -4.98
N HIS A 137 -20.71 -3.92 -5.80
CA HIS A 137 -20.80 -3.43 -7.18
C HIS A 137 -21.25 -4.53 -8.15
N ARG A 138 -20.63 -5.70 -8.04
CA ARG A 138 -20.98 -6.91 -8.79
C ARG A 138 -20.60 -6.92 -10.26
N ASP A 139 -19.99 -5.84 -10.76
CA ASP A 139 -19.46 -5.85 -12.12
C ASP A 139 -18.20 -4.99 -12.21
N LEU A 140 -17.31 -5.17 -11.24
CA LEU A 140 -16.04 -4.48 -11.25
C LEU A 140 -15.10 -5.12 -12.28
N ARG A 141 -14.65 -4.30 -13.24
CA ARG A 141 -13.80 -4.69 -14.37
C ARG A 141 -13.44 -3.43 -15.15
N ALA A 142 -12.38 -3.49 -15.94
CA ALA A 142 -11.82 -2.30 -16.60
C ALA A 142 -12.76 -1.64 -17.61
N ALA A 143 -13.67 -2.42 -18.20
CA ALA A 143 -14.66 -1.87 -19.12
C ALA A 143 -15.72 -1.06 -18.35
N ASN A 144 -15.75 -1.21 -17.02
CA ASN A 144 -16.66 -0.42 -16.19
C ASN A 144 -15.99 0.71 -15.40
N ILE A 145 -14.72 0.97 -15.70
CA ILE A 145 -14.00 2.11 -15.13
C ILE A 145 -13.88 3.21 -16.20
N LEU A 146 -14.03 4.46 -15.81
CA LEU A 146 -13.94 5.55 -16.78
C LEU A 146 -12.74 6.42 -16.45
N VAL A 147 -12.11 6.92 -17.50
CA VAL A 147 -10.88 7.70 -17.36
C VAL A 147 -11.19 9.12 -17.74
N GLY A 148 -10.69 10.05 -16.94
CA GLY A 148 -10.90 11.45 -17.21
C GLY A 148 -9.58 12.16 -17.39
N GLU A 149 -9.63 13.47 -17.27
CA GLU A 149 -8.44 14.28 -17.42
C GLU A 149 -7.42 13.98 -16.32
N ASN A 150 -6.14 13.99 -16.69
CA ASN A 150 -5.05 13.79 -15.74
C ASN A 150 -4.99 12.35 -15.20
N LEU A 151 -5.58 11.41 -15.95
CA LEU A 151 -5.47 9.99 -15.66
C LEU A 151 -6.25 9.66 -14.38
N VAL A 152 -7.30 10.43 -14.17
CA VAL A 152 -8.27 10.18 -13.12
C VAL A 152 -9.13 9.00 -13.55
N CYS A 153 -9.34 8.05 -12.63
CA CYS A 153 -10.21 6.89 -12.87
C CYS A 153 -11.37 6.84 -11.89
N LYS A 154 -12.56 6.54 -12.40
CA LYS A 154 -13.73 6.51 -11.57
C LYS A 154 -14.51 5.25 -11.88
N VAL A 155 -15.05 4.58 -10.87
CA VAL A 155 -15.81 3.41 -11.18
C VAL A 155 -17.19 3.87 -11.65
N ALA A 156 -17.71 3.14 -12.62
CA ALA A 156 -18.98 3.49 -13.26
C ALA A 156 -19.88 2.26 -13.35
N ASP A 157 -20.99 2.43 -14.05
CA ASP A 157 -21.96 1.35 -14.30
C ASP A 157 -22.35 0.61 -13.04
N PHE A 158 -23.24 1.22 -12.26
CA PHE A 158 -23.77 0.62 -11.04
C PHE A 158 -25.07 -0.10 -11.34
N GLY A 159 -25.20 -0.53 -12.60
CA GLY A 159 -26.37 -1.26 -13.09
C GLY A 159 -26.73 -2.51 -12.32
N LEU A 160 -25.74 -3.14 -11.69
CA LEU A 160 -25.98 -4.36 -10.94
C LEU A 160 -25.70 -4.16 -9.44
N ALA A 161 -25.30 -2.94 -9.08
CA ALA A 161 -24.90 -2.64 -7.72
C ALA A 161 -26.11 -2.66 -6.78
N ARG A 162 -25.87 -3.03 -5.53
CA ARG A 162 -26.95 -3.04 -4.54
C ARG A 162 -26.46 -2.96 -3.10
N LEU A 163 -27.33 -2.48 -2.23
CA LEU A 163 -27.10 -2.58 -0.79
C LEU A 163 -27.21 -4.06 -0.42
N ILE A 164 -26.35 -4.53 0.48
CA ILE A 164 -26.45 -5.89 0.99
C ILE A 164 -27.56 -5.97 2.06
N GLU A 165 -28.36 -7.04 1.99
CA GLU A 165 -29.43 -7.24 2.96
C GLU A 165 -28.85 -7.52 4.36
N GLY A 174 -28.47 -9.96 -13.61
CA GLY A 174 -29.22 -10.77 -14.55
C GLY A 174 -29.11 -12.24 -14.22
N ALA A 175 -29.22 -13.09 -15.25
CA ALA A 175 -29.14 -14.54 -15.07
C ALA A 175 -27.71 -15.02 -14.83
N LYS A 176 -26.79 -14.70 -15.75
CA LYS A 176 -25.39 -15.08 -15.56
C LYS A 176 -24.35 -14.00 -15.88
N PHE A 177 -23.32 -13.98 -15.03
CA PHE A 177 -22.31 -12.92 -14.94
C PHE A 177 -21.02 -13.32 -15.67
N PRO A 178 -20.17 -12.34 -16.05
CA PRO A 178 -18.90 -12.68 -16.71
C PRO A 178 -18.02 -13.47 -15.74
N ILE A 179 -17.99 -14.77 -15.94
CA ILE A 179 -17.31 -15.67 -15.03
C ILE A 179 -15.83 -15.35 -14.85
N LYS A 180 -15.22 -14.72 -15.84
CA LYS A 180 -13.78 -14.52 -15.78
C LYS A 180 -13.41 -13.44 -14.77
N TRP A 181 -14.36 -12.57 -14.44
CA TRP A 181 -14.19 -11.54 -13.42
C TRP A 181 -14.92 -11.86 -12.09
N THR A 182 -15.76 -12.88 -12.09
CA THR A 182 -16.62 -13.08 -10.93
C THR A 182 -16.04 -14.14 -10.01
N ALA A 183 -16.06 -13.85 -8.70
CA ALA A 183 -15.66 -14.85 -7.72
C ALA A 183 -16.55 -16.08 -7.86
N PRO A 184 -15.97 -17.28 -7.77
CA PRO A 184 -16.70 -18.54 -7.96
C PRO A 184 -17.91 -18.71 -7.02
N GLU A 185 -17.79 -18.33 -5.75
CA GLU A 185 -18.96 -18.44 -4.87
C GLU A 185 -20.15 -17.63 -5.38
N ALA A 186 -19.85 -16.58 -6.16
CA ALA A 186 -20.88 -15.66 -6.65
C ALA A 186 -21.41 -16.14 -7.98
N ALA A 187 -20.51 -16.60 -8.84
CA ALA A 187 -20.92 -17.20 -10.09
C ALA A 187 -21.77 -18.46 -9.87
N LEU A 188 -21.40 -19.25 -8.85
CA LEU A 188 -22.03 -20.55 -8.67
C LEU A 188 -23.27 -20.51 -7.77
N TYR A 189 -23.21 -19.78 -6.66
CA TYR A 189 -24.28 -19.80 -5.63
C TYR A 189 -24.94 -18.44 -5.38
N GLY A 190 -24.53 -17.42 -6.13
CA GLY A 190 -25.11 -16.10 -6.02
C GLY A 190 -24.66 -15.34 -4.80
N ARG A 191 -23.60 -15.80 -4.14
CA ARG A 191 -23.08 -15.09 -2.97
C ARG A 191 -22.20 -13.88 -3.32
N PHE A 192 -22.86 -12.76 -3.62
CA PHE A 192 -22.19 -11.50 -3.89
C PHE A 192 -21.95 -10.67 -2.63
N THR A 193 -20.68 -10.49 -2.27
CA THR A 193 -20.29 -9.63 -1.18
C THR A 193 -19.22 -8.67 -1.64
N ILE A 194 -18.81 -7.75 -0.77
CA ILE A 194 -17.73 -6.85 -1.11
C ILE A 194 -16.45 -7.66 -1.37
N LYS A 195 -16.40 -8.90 -0.84
CA LYS A 195 -15.22 -9.74 -1.02
C LYS A 195 -15.22 -10.42 -2.37
N SER A 196 -16.37 -10.49 -3.01
CA SER A 196 -16.38 -10.98 -4.37
C SER A 196 -15.98 -9.81 -5.30
N ASP A 197 -16.29 -8.58 -4.90
CA ASP A 197 -15.73 -7.43 -5.61
C ASP A 197 -14.20 -7.40 -5.50
N VAL A 198 -13.66 -7.76 -4.33
CA VAL A 198 -12.22 -7.89 -4.15
C VAL A 198 -11.65 -8.91 -5.12
N TRP A 199 -12.34 -10.03 -5.32
CA TRP A 199 -11.90 -10.98 -6.32
C TRP A 199 -11.74 -10.30 -7.69
N SER A 200 -12.77 -9.55 -8.09
CA SER A 200 -12.78 -8.90 -9.39
C SER A 200 -11.65 -7.86 -9.49
N PHE A 201 -11.38 -7.19 -8.38
CA PHE A 201 -10.30 -6.20 -8.34
C PHE A 201 -8.97 -6.85 -8.65
N GLY A 202 -8.72 -8.05 -8.11
CA GLY A 202 -7.54 -8.81 -8.48
C GLY A 202 -7.44 -9.08 -9.99
N ILE A 203 -8.56 -9.43 -10.61
CA ILE A 203 -8.61 -9.68 -12.05
C ILE A 203 -8.37 -8.38 -12.78
N LEU A 204 -8.98 -7.30 -12.29
CA LEU A 204 -8.74 -5.97 -12.82
C LEU A 204 -7.25 -5.63 -12.75
N LEU A 205 -6.55 -6.10 -11.73
CA LEU A 205 -5.13 -5.77 -11.61
C LEU A 205 -4.34 -6.45 -12.74
N THR A 206 -4.80 -7.63 -13.16
CA THR A 206 -4.16 -8.30 -14.27
C THR A 206 -4.50 -7.63 -15.61
N GLU A 207 -5.69 -7.05 -15.76
CA GLU A 207 -5.99 -6.25 -16.95
C GLU A 207 -5.04 -5.03 -17.05
N LEU A 208 -4.79 -4.39 -15.91
CA LEU A 208 -3.92 -3.24 -15.90
C LEU A 208 -2.49 -3.61 -16.28
N THR A 209 -1.99 -4.71 -15.73
CA THR A 209 -0.58 -5.05 -15.89
C THR A 209 -0.26 -5.75 -17.21
N THR A 210 -1.29 -6.12 -17.95
CA THR A 210 -1.10 -6.71 -19.27
C THR A 210 -1.62 -5.75 -20.33
N LYS A 211 -1.88 -4.51 -19.90
CA LYS A 211 -2.44 -3.49 -20.78
C LYS A 211 -3.73 -3.89 -21.49
N GLY A 212 -4.66 -4.49 -20.74
CA GLY A 212 -5.99 -4.73 -21.25
C GLY A 212 -6.33 -6.10 -21.82
N ARG A 213 -5.40 -7.05 -21.75
CA ARG A 213 -5.71 -8.41 -22.22
C ARG A 213 -6.79 -9.08 -21.38
N VAL A 214 -7.70 -9.77 -22.06
CA VAL A 214 -8.66 -10.67 -21.42
C VAL A 214 -7.95 -11.67 -20.49
N PRO A 215 -8.45 -11.83 -19.26
CA PRO A 215 -7.87 -12.81 -18.33
C PRO A 215 -8.02 -14.27 -18.80
N TYR A 216 -7.20 -15.16 -18.26
CA TYR A 216 -7.20 -16.58 -18.65
C TYR A 216 -7.12 -16.73 -20.18
N PRO A 217 -6.01 -16.25 -20.79
CA PRO A 217 -5.91 -16.31 -22.26
C PRO A 217 -6.12 -17.74 -22.76
N GLY A 218 -6.92 -17.88 -23.82
CA GLY A 218 -7.20 -19.18 -24.41
C GLY A 218 -8.15 -20.10 -23.67
N MET A 219 -8.71 -19.66 -22.55
CA MET A 219 -9.64 -20.50 -21.82
C MET A 219 -11.07 -20.05 -22.02
N VAL A 220 -11.96 -20.98 -22.32
CA VAL A 220 -13.36 -20.64 -22.36
C VAL A 220 -13.92 -20.62 -20.93
N ASN A 221 -15.09 -20.01 -20.78
CA ASN A 221 -15.75 -19.87 -19.48
C ASN A 221 -15.84 -21.15 -18.64
N ARG A 222 -16.21 -22.27 -19.25
CA ARG A 222 -16.31 -23.52 -18.51
C ARG A 222 -14.95 -23.98 -17.99
N GLU A 223 -13.94 -23.92 -18.85
CA GLU A 223 -12.60 -24.33 -18.46
C GLU A 223 -12.09 -23.45 -17.32
N VAL A 224 -12.43 -22.17 -17.35
CA VAL A 224 -12.05 -21.22 -16.30
C VAL A 224 -12.68 -21.62 -14.96
N LEU A 225 -13.97 -21.91 -15.01
CA LEU A 225 -14.70 -22.33 -13.83
C LEU A 225 -14.11 -23.62 -13.25
N ASP A 226 -13.88 -24.62 -14.10
CA ASP A 226 -13.37 -25.90 -13.61
C ASP A 226 -11.99 -25.73 -13.01
N GLN A 227 -11.13 -24.96 -13.65
CA GLN A 227 -9.76 -24.85 -13.17
C GLN A 227 -9.64 -24.00 -11.93
N VAL A 228 -10.49 -22.99 -11.81
CA VAL A 228 -10.40 -22.09 -10.66
C VAL A 228 -10.89 -22.84 -9.42
N GLU A 229 -11.84 -23.76 -9.61
CA GLU A 229 -12.30 -24.61 -8.51
C GLU A 229 -11.19 -25.56 -8.06
N ARG A 230 -10.46 -26.10 -9.03
CA ARG A 230 -9.32 -26.96 -8.75
C ARG A 230 -8.09 -26.20 -8.27
N GLY A 231 -8.22 -24.88 -8.06
CA GLY A 231 -7.12 -24.11 -7.50
C GLY A 231 -6.20 -23.35 -8.46
N TYR A 232 -6.46 -23.45 -9.76
CA TYR A 232 -5.68 -22.68 -10.74
C TYR A 232 -5.84 -21.16 -10.54
N ARG A 233 -4.71 -20.45 -10.59
CA ARG A 233 -4.71 -19.00 -10.59
C ARG A 233 -3.80 -18.52 -11.72
N MET A 234 -4.12 -17.37 -12.30
CA MET A 234 -3.25 -16.76 -13.30
C MET A 234 -1.86 -16.43 -12.75
N PRO A 235 -0.82 -16.74 -13.54
CA PRO A 235 0.57 -16.45 -13.18
C PRO A 235 0.89 -14.96 -13.22
N CYS A 236 2.04 -14.62 -12.66
CA CYS A 236 2.59 -13.28 -12.69
C CYS A 236 2.87 -12.89 -14.13
N PRO A 237 2.16 -11.87 -14.63
CA PRO A 237 2.38 -11.32 -15.98
C PRO A 237 3.83 -10.89 -16.17
N PRO A 238 4.33 -10.91 -17.41
CA PRO A 238 5.72 -10.50 -17.67
C PRO A 238 6.01 -9.09 -17.13
N GLU A 239 7.08 -8.92 -16.38
CA GLU A 239 7.57 -7.62 -15.87
C GLU A 239 6.76 -7.11 -14.69
N CYS A 240 5.66 -7.78 -14.38
CA CYS A 240 4.94 -7.43 -13.18
C CYS A 240 5.75 -7.93 -12.00
N PRO A 241 5.96 -7.08 -10.98
CA PRO A 241 6.68 -7.50 -9.77
C PRO A 241 5.91 -8.53 -8.96
N GLU A 242 6.65 -9.42 -8.30
CA GLU A 242 6.05 -10.52 -7.57
C GLU A 242 5.20 -10.01 -6.40
N SER A 243 5.58 -8.86 -5.84
CA SER A 243 4.78 -8.29 -4.75
C SER A 243 3.39 -7.92 -5.24
N LEU A 244 3.30 -7.44 -6.47
CA LEU A 244 2.00 -7.12 -7.06
C LEU A 244 1.17 -8.38 -7.40
N HIS A 245 1.82 -9.48 -7.78
CA HIS A 245 1.11 -10.73 -8.06
C HIS A 245 0.69 -11.42 -6.75
N ASP A 246 1.47 -11.24 -5.69
CA ASP A 246 1.05 -11.67 -4.38
C ASP A 246 -0.27 -11.02 -4.02
N LEU A 247 -0.37 -9.71 -4.22
CA LEU A 247 -1.60 -8.99 -3.94
C LEU A 247 -2.77 -9.61 -4.71
N MET A 248 -2.55 -9.90 -5.98
CA MET A 248 -3.61 -10.52 -6.79
C MET A 248 -4.04 -11.84 -6.19
N CYS A 249 -3.07 -12.67 -5.78
CA CYS A 249 -3.37 -14.00 -5.22
C CYS A 249 -4.16 -13.93 -3.90
N GLN A 250 -3.86 -12.94 -3.09
CA GLN A 250 -4.65 -12.71 -1.89
C GLN A 250 -6.09 -12.35 -2.22
N CYS A 251 -6.29 -11.62 -3.32
CA CYS A 251 -7.62 -11.27 -3.78
C CYS A 251 -8.34 -12.50 -4.29
N TRP A 252 -7.60 -13.52 -4.72
CA TRP A 252 -8.22 -14.72 -5.28
C TRP A 252 -8.24 -15.91 -4.31
N ARG A 253 -8.07 -15.64 -3.03
CA ARG A 253 -8.19 -16.68 -2.00
C ARG A 253 -9.57 -17.35 -2.06
N LYS A 254 -9.60 -18.68 -2.09
CA LYS A 254 -10.87 -19.41 -2.20
C LYS A 254 -11.82 -19.01 -1.07
N ASP A 255 -11.27 -18.75 0.10
CA ASP A 255 -12.09 -18.31 1.20
C ASP A 255 -12.29 -16.79 1.17
N PRO A 256 -13.52 -16.36 0.83
CA PRO A 256 -13.88 -14.93 0.69
C PRO A 256 -13.40 -14.05 1.82
N GLU A 257 -13.30 -14.60 3.02
CA GLU A 257 -12.96 -13.81 4.20
C GLU A 257 -11.44 -13.74 4.43
N GLU A 258 -10.68 -14.58 3.74
CA GLU A 258 -9.24 -14.44 3.74
C GLU A 258 -8.79 -13.32 2.75
N ARG A 259 -9.69 -12.89 1.88
CA ARG A 259 -9.42 -11.84 0.90
C ARG A 259 -9.25 -10.48 1.58
N PRO A 260 -8.33 -9.64 1.07
CA PRO A 260 -8.05 -8.33 1.67
C PRO A 260 -9.24 -7.37 1.60
N THR A 261 -9.25 -6.34 2.43
CA THR A 261 -10.26 -5.31 2.29
C THR A 261 -9.79 -4.29 1.23
N PHE A 262 -10.71 -3.45 0.77
CA PHE A 262 -10.34 -2.40 -0.16
C PHE A 262 -9.54 -1.32 0.56
N GLU A 263 -9.76 -1.18 1.87
CA GLU A 263 -9.03 -0.21 2.67
C GLU A 263 -7.55 -0.55 2.70
N TYR A 264 -7.25 -1.82 2.94
CA TYR A 264 -5.89 -2.28 2.82
C TYR A 264 -5.37 -2.12 1.37
N LEU A 265 -6.17 -2.50 0.37
CA LEU A 265 -5.74 -2.44 -1.01
C LEU A 265 -5.43 -1.02 -1.44
N GLN A 266 -6.26 -0.06 -1.03
CA GLN A 266 -6.04 1.33 -1.34
C GLN A 266 -4.70 1.81 -0.75
N ALA A 267 -4.47 1.52 0.53
CA ALA A 267 -3.25 1.98 1.20
C ALA A 267 -2.01 1.26 0.65
N PHE A 268 -2.15 0.00 0.29
CA PHE A 268 -1.03 -0.76 -0.26
C PHE A 268 -0.58 -0.15 -1.61
N LEU A 269 -1.55 0.27 -2.42
CA LEU A 269 -1.27 0.72 -3.78
C LEU A 269 -0.80 2.17 -3.76
N GLU A 270 -1.37 3.02 -2.90
CA GLU A 270 -0.87 4.40 -2.79
C GLU A 270 0.59 4.47 -2.33
N ASP A 271 1.00 3.54 -1.48
CA ASP A 271 2.34 3.57 -0.85
C ASP A 271 3.30 2.66 -1.58
N TYR A 272 2.83 2.02 -2.64
CA TYR A 272 3.54 0.88 -3.24
C TYR A 272 5.02 1.13 -3.54
N PHE A 273 5.34 2.29 -4.10
CA PHE A 273 6.71 2.52 -4.54
C PHE A 273 7.66 3.01 -3.44
N THR A 274 7.12 3.26 -2.26
CA THR A 274 7.98 3.53 -1.10
C THR A 274 8.11 2.36 -0.15
N SER A 275 6.99 1.71 0.17
CA SER A 275 6.96 0.67 1.21
C SER A 275 7.17 -0.76 0.73
N THR A 276 6.89 -1.01 -0.54
CA THR A 276 6.89 -2.38 -1.08
C THR A 276 7.97 -2.60 -2.13
N GLU A 277 8.01 -1.73 -3.13
CA GLU A 277 9.00 -1.80 -4.22
C GLU A 277 9.80 -0.53 -4.35
N PRO A 278 10.59 -0.18 -3.33
CA PRO A 278 11.34 1.07 -3.37
C PRO A 278 12.49 1.04 -4.40
N GLN A 279 12.85 -0.13 -4.89
CA GLN A 279 13.96 -0.24 -5.85
C GLN A 279 13.47 -0.62 -7.24
N TYR A 280 12.27 -0.17 -7.59
CA TYR A 280 11.66 -0.48 -8.86
C TYR A 280 12.38 0.22 -10.01
N GLN A 281 12.75 -0.54 -11.03
CA GLN A 281 13.28 0.05 -12.27
C GLN A 281 12.30 -0.22 -13.42
N PRO A 282 12.01 0.82 -14.23
CA PRO A 282 11.13 0.62 -15.40
C PRO A 282 11.78 -0.34 -16.39
N GLY A 283 10.97 -1.23 -16.96
CA GLY A 283 11.45 -2.19 -17.93
C GLY A 283 10.93 -1.76 -19.29
N GLU A 284 10.74 -2.71 -20.18
CA GLU A 284 10.35 -2.38 -21.55
C GLU A 284 8.85 -2.07 -21.67
N ASN A 285 8.02 -2.80 -20.91
CA ASN A 285 6.58 -2.57 -20.96
C ASN A 285 5.93 -2.09 -19.63
N LEU A 286 6.61 -2.31 -18.51
CA LEU A 286 6.09 -1.88 -17.20
C LEU A 286 7.16 -1.14 -16.35
N ALA B 12 38.23 -15.18 14.70
CA ALA B 12 37.76 -15.67 15.99
C ALA B 12 36.24 -15.91 15.98
N TRP B 13 35.54 -15.19 15.11
CA TRP B 13 34.09 -15.32 14.96
C TRP B 13 33.73 -16.30 13.85
N GLU B 14 34.76 -16.69 13.09
CA GLU B 14 34.60 -17.53 11.91
C GLU B 14 33.95 -18.88 12.18
N ILE B 15 33.04 -19.28 11.29
CA ILE B 15 32.47 -20.61 11.30
C ILE B 15 32.74 -21.29 9.96
N PRO B 16 32.72 -22.64 9.95
CA PRO B 16 32.93 -23.34 8.68
C PRO B 16 31.74 -23.15 7.74
N ARG B 17 31.98 -22.82 6.48
CA ARG B 17 30.88 -22.46 5.57
C ARG B 17 30.07 -23.68 5.16
N GLU B 18 29.82 -24.57 6.11
CA GLU B 18 29.21 -25.86 5.86
C GLU B 18 28.32 -26.23 7.05
N SER B 19 28.41 -25.42 8.11
CA SER B 19 27.50 -25.53 9.25
C SER B 19 26.24 -24.71 9.02
N LEU B 20 26.19 -23.99 7.89
CA LEU B 20 25.03 -23.21 7.48
C LEU B 20 24.17 -23.86 6.41
N ARG B 21 22.87 -23.92 6.67
CA ARG B 21 21.92 -24.28 5.63
C ARG B 21 21.00 -23.09 5.33
N LEU B 22 20.94 -22.69 4.07
CA LEU B 22 20.12 -21.57 3.65
C LEU B 22 18.77 -22.08 3.14
N GLU B 23 17.72 -21.93 3.94
CA GLU B 23 16.44 -22.58 3.63
C GLU B 23 15.40 -21.74 2.87
N VAL B 24 15.20 -20.50 3.29
CA VAL B 24 14.21 -19.61 2.69
C VAL B 24 14.83 -18.25 2.38
N LYS B 25 14.70 -17.77 1.15
CA LYS B 25 15.13 -16.41 0.84
C LYS B 25 14.12 -15.40 1.39
N LEU B 26 14.60 -14.37 2.07
CA LEU B 26 13.71 -13.36 2.66
C LEU B 26 13.79 -12.02 1.93
N GLY B 27 14.88 -11.81 1.20
CA GLY B 27 15.08 -10.59 0.46
C GLY B 27 16.35 -10.64 -0.34
N GLN B 28 16.61 -9.61 -1.14
CA GLN B 28 17.83 -9.58 -1.94
C GLN B 28 18.43 -8.18 -1.95
N GLY B 29 17.64 -7.20 -2.37
CA GLY B 29 18.04 -5.81 -2.31
C GLY B 29 19.23 -5.46 -3.16
N CYS B 30 19.69 -4.22 -3.01
CA CYS B 30 20.76 -3.68 -3.84
C CYS B 30 22.10 -4.33 -3.53
N PHE B 31 22.32 -4.69 -2.28
CA PHE B 31 23.66 -5.09 -1.87
C PHE B 31 23.89 -6.62 -1.79
N GLY B 32 22.92 -7.42 -1.42
CA GLY B 32 23.25 -8.82 -1.42
C GLY B 32 22.09 -9.77 -1.55
N GLU B 33 21.83 -10.46 -0.44
CA GLU B 33 20.79 -11.45 -0.38
C GLU B 33 20.64 -11.87 1.09
N VAL B 34 19.41 -12.12 1.51
CA VAL B 34 19.17 -12.45 2.91
C VAL B 34 18.29 -13.68 3.05
N TRP B 35 18.77 -14.67 3.79
CA TRP B 35 18.03 -15.92 3.98
C TRP B 35 17.68 -16.24 5.41
N MET B 36 16.66 -17.05 5.59
CA MET B 36 16.43 -17.74 6.85
C MET B 36 17.06 -19.12 6.80
N GLY B 37 17.78 -19.52 7.82
CA GLY B 37 18.46 -20.80 7.77
C GLY B 37 18.71 -21.46 9.09
N THR B 38 19.68 -22.38 9.09
CA THR B 38 20.04 -23.12 10.30
C THR B 38 21.56 -23.14 10.48
N TRP B 39 22.01 -23.08 11.73
CA TRP B 39 23.42 -23.03 12.06
C TRP B 39 23.74 -24.19 13.00
N ASN B 40 24.74 -24.99 12.62
CA ASN B 40 25.11 -26.21 13.34
C ASN B 40 23.92 -27.18 13.43
N GLY B 41 23.04 -27.13 12.43
CA GLY B 41 21.90 -28.02 12.38
C GLY B 41 20.89 -27.83 13.50
N THR B 42 21.09 -26.78 14.30
CA THR B 42 20.34 -26.64 15.55
C THR B 42 19.70 -25.24 15.75
N THR B 43 20.44 -24.21 15.35
CA THR B 43 20.07 -22.82 15.63
C THR B 43 19.48 -22.13 14.40
N ARG B 44 18.23 -21.69 14.51
CA ARG B 44 17.61 -20.89 13.45
C ARG B 44 18.33 -19.56 13.33
N VAL B 45 18.61 -19.13 12.10
CA VAL B 45 19.39 -17.92 11.91
C VAL B 45 18.98 -17.15 10.68
N ALA B 46 19.49 -15.92 10.61
CA ALA B 46 19.40 -15.08 9.42
C ALA B 46 20.78 -15.03 8.81
N ILE B 47 20.85 -15.19 7.50
CA ILE B 47 22.11 -15.25 6.79
C ILE B 47 22.16 -14.23 5.66
N LYS B 48 23.07 -13.27 5.77
CA LYS B 48 23.26 -12.24 4.76
C LYS B 48 24.43 -12.59 3.86
N THR B 49 24.23 -12.50 2.55
CA THR B 49 25.27 -12.81 1.58
C THR B 49 25.61 -11.60 0.73
N LEU B 50 26.71 -11.70 0.00
CA LEU B 50 27.11 -10.64 -0.93
C LEU B 50 27.36 -11.23 -2.30
N LYS B 51 26.78 -10.66 -3.35
CA LYS B 51 27.18 -11.06 -4.70
C LYS B 51 28.37 -10.15 -5.06
N PRO B 52 29.55 -10.75 -5.27
CA PRO B 52 30.82 -10.04 -5.36
C PRO B 52 30.88 -8.94 -6.42
N GLY B 53 30.40 -7.74 -6.10
CA GLY B 53 30.30 -6.68 -7.07
C GLY B 53 29.02 -5.92 -6.88
N THR B 54 28.98 -5.22 -5.76
CA THR B 54 27.72 -4.78 -5.26
C THR B 54 27.74 -3.37 -4.64
N MET B 55 28.83 -3.08 -3.96
CA MET B 55 28.94 -1.93 -3.11
C MET B 55 30.38 -1.60 -2.84
N SER B 56 31.18 -2.65 -2.91
CA SER B 56 32.37 -2.81 -2.06
C SER B 56 32.54 -4.31 -1.89
N PRO B 57 33.54 -4.89 -2.51
CA PRO B 57 33.62 -6.23 -1.93
C PRO B 57 34.23 -6.16 -0.52
N GLU B 58 35.56 -6.06 -0.34
CA GLU B 58 36.11 -6.21 1.02
C GLU B 58 36.40 -4.85 1.70
N ALA B 59 35.62 -3.83 1.34
CA ALA B 59 35.54 -2.64 2.19
C ALA B 59 34.34 -2.85 3.08
N PHE B 60 33.60 -3.91 2.72
CA PHE B 60 32.54 -4.45 3.55
C PHE B 60 33.16 -5.14 4.72
N LEU B 61 34.50 -5.20 4.73
CA LEU B 61 35.20 -5.79 5.86
C LEU B 61 34.44 -5.73 7.14
N GLN B 62 34.08 -4.55 7.60
CA GLN B 62 33.71 -4.52 8.99
C GLN B 62 32.69 -3.40 9.32
N GLU B 63 31.72 -3.26 8.42
CA GLU B 63 30.34 -3.07 8.75
C GLU B 63 30.00 -4.07 9.88
N ALA B 64 30.73 -5.18 9.96
CA ALA B 64 30.63 -6.12 11.06
C ALA B 64 31.68 -5.97 12.17
N GLN B 65 32.51 -4.92 12.12
CA GLN B 65 33.26 -4.53 13.32
C GLN B 65 32.25 -4.01 14.26
N VAL B 66 31.40 -3.20 13.67
CA VAL B 66 30.30 -2.55 14.29
C VAL B 66 29.51 -3.64 15.01
N MET B 67 28.91 -4.56 14.27
CA MET B 67 28.11 -5.64 14.86
C MET B 67 28.90 -6.52 15.84
N LYS B 68 30.22 -6.48 15.73
CA LYS B 68 31.05 -7.28 16.62
C LYS B 68 31.28 -6.56 17.95
N LYS B 69 31.19 -5.24 17.92
CA LYS B 69 31.39 -4.43 19.13
C LYS B 69 30.08 -4.19 19.88
N LEU B 70 28.99 -3.96 19.15
CA LEU B 70 27.70 -3.60 19.74
C LEU B 70 26.90 -4.81 20.22
N ARG B 71 26.63 -4.85 21.52
CA ARG B 71 25.89 -5.94 22.13
C ARG B 71 24.73 -5.40 22.96
N HIS B 72 23.51 -5.58 22.48
CA HIS B 72 22.35 -5.04 23.18
C HIS B 72 21.09 -5.83 22.85
N GLU B 73 20.25 -6.04 23.85
CA GLU B 73 19.04 -6.84 23.71
C GLU B 73 18.09 -6.30 22.62
N LYS B 74 18.24 -5.03 22.26
CA LYS B 74 17.42 -4.40 21.22
C LYS B 74 18.20 -4.12 19.93
N LEU B 75 19.40 -4.67 19.81
CA LEU B 75 20.09 -4.68 18.51
C LEU B 75 20.13 -6.11 18.01
N VAL B 76 19.92 -6.30 16.71
CA VAL B 76 20.05 -7.63 16.12
C VAL B 76 21.47 -8.14 16.34
N GLN B 77 21.61 -9.28 17.00
CA GLN B 77 22.90 -9.78 17.39
C GLN B 77 23.65 -10.54 16.26
N LEU B 78 24.91 -10.19 16.03
CA LEU B 78 25.78 -10.98 15.15
C LEU B 78 26.13 -12.32 15.81
N TYR B 79 26.00 -13.42 15.07
CA TYR B 79 26.40 -14.72 15.59
C TYR B 79 27.72 -15.20 14.99
N ALA B 80 27.89 -15.07 13.69
CA ALA B 80 29.07 -15.59 13.02
C ALA B 80 29.26 -14.98 11.65
N VAL B 81 30.49 -15.12 11.13
CA VAL B 81 30.83 -14.65 9.80
C VAL B 81 31.65 -15.69 9.00
N VAL B 82 31.75 -15.43 7.71
CA VAL B 82 32.70 -16.07 6.84
C VAL B 82 33.40 -14.96 6.07
N SER B 83 34.66 -14.68 6.42
CA SER B 83 35.36 -13.51 5.91
C SER B 83 35.57 -13.51 4.41
N GLU B 84 36.16 -14.60 3.90
CA GLU B 84 36.57 -14.69 2.49
C GLU B 84 35.38 -14.94 1.56
N GLU B 85 35.41 -14.33 0.38
CA GLU B 85 34.33 -14.46 -0.60
C GLU B 85 34.07 -15.92 -1.00
N PRO B 86 32.80 -16.29 -1.19
CA PRO B 86 31.61 -15.46 -0.92
C PRO B 86 31.35 -15.30 0.60
N ILE B 87 31.13 -14.05 1.02
CA ILE B 87 30.98 -13.72 2.44
C ILE B 87 29.59 -14.06 2.94
N TYR B 88 29.52 -14.56 4.17
CA TYR B 88 28.26 -14.81 4.83
C TYR B 88 28.27 -14.14 6.20
N ILE B 89 27.19 -13.42 6.53
CA ILE B 89 27.01 -12.85 7.86
C ILE B 89 25.85 -13.53 8.56
N VAL B 90 26.12 -14.12 9.70
CA VAL B 90 25.09 -14.86 10.44
C VAL B 90 24.61 -14.03 11.66
N THR B 91 23.30 -13.80 11.75
CA THR B 91 22.73 -13.06 12.89
C THR B 91 21.54 -13.80 13.46
N GLU B 92 20.99 -13.27 14.55
CA GLU B 92 19.79 -13.86 15.12
C GLU B 92 18.66 -13.68 14.12
N TYR B 93 17.68 -14.59 14.16
CA TYR B 93 16.56 -14.55 13.24
C TYR B 93 15.34 -13.86 13.88
N MET B 94 14.73 -12.94 13.15
CA MET B 94 13.57 -12.22 13.64
C MET B 94 12.33 -12.72 12.91
N SER B 95 11.52 -13.50 13.62
CA SER B 95 10.46 -14.30 13.00
C SER B 95 9.38 -13.51 12.28
N LYS B 96 9.21 -12.23 12.62
CA LYS B 96 8.08 -11.47 12.08
C LYS B 96 8.52 -10.47 11.03
N GLY B 97 9.80 -10.48 10.69
CA GLY B 97 10.31 -9.60 9.65
C GLY B 97 10.27 -8.11 9.98
N SER B 98 10.14 -7.30 8.94
CA SER B 98 10.17 -5.86 9.02
C SER B 98 9.01 -5.25 9.82
N LEU B 99 9.30 -4.27 10.68
CA LEU B 99 8.24 -3.54 11.40
C LEU B 99 7.22 -2.95 10.44
N LEU B 100 7.72 -2.38 9.35
CA LEU B 100 6.86 -1.86 8.29
C LEU B 100 5.86 -2.90 7.75
N ASP B 101 6.36 -4.03 7.27
CA ASP B 101 5.51 -5.11 6.79
C ASP B 101 4.55 -5.55 7.89
N PHE B 102 5.06 -5.65 9.11
CA PHE B 102 4.29 -6.11 10.24
C PHE B 102 3.09 -5.21 10.49
N LEU B 103 3.31 -3.89 10.46
CA LEU B 103 2.25 -2.90 10.72
C LEU B 103 1.19 -2.85 9.61
N LYS B 104 1.63 -3.01 8.35
CA LYS B 104 0.75 -2.96 7.18
C LYS B 104 -0.08 -4.24 7.06
N GLY B 105 0.49 -5.34 7.55
CA GLY B 105 -0.10 -6.66 7.42
C GLY B 105 -1.22 -6.98 8.39
N GLU B 106 -1.61 -8.26 8.42
CA GLU B 106 -2.80 -8.71 9.13
C GLU B 106 -2.75 -8.43 10.62
N MET B 107 -1.56 -8.45 11.19
CA MET B 107 -1.39 -8.09 12.61
C MET B 107 -1.84 -6.66 12.89
N GLY B 108 -1.55 -5.77 11.97
CA GLY B 108 -1.94 -4.37 12.06
C GLY B 108 -3.33 -4.05 12.63
N LYS B 109 -4.35 -4.84 12.28
CA LYS B 109 -5.70 -4.55 12.77
C LYS B 109 -5.75 -4.53 14.28
N TYR B 110 -4.93 -5.37 14.90
CA TYR B 110 -5.12 -5.67 16.31
C TYR B 110 -4.22 -4.84 17.21
N LEU B 111 -3.16 -4.28 16.66
CA LEU B 111 -2.28 -3.41 17.43
C LEU B 111 -2.99 -2.11 17.88
N ARG B 112 -2.93 -1.83 19.16
CA ARG B 112 -3.50 -0.59 19.67
C ARG B 112 -2.39 0.28 20.22
N LEU B 113 -2.73 1.48 20.67
CA LEU B 113 -1.71 2.38 21.21
C LEU B 113 -0.79 1.78 22.28
N PRO B 114 -1.32 0.99 23.24
CA PRO B 114 -0.35 0.38 24.17
C PRO B 114 0.69 -0.55 23.53
N GLN B 115 0.34 -1.33 22.51
CA GLN B 115 1.36 -2.16 21.84
C GLN B 115 2.36 -1.27 21.06
N LEU B 116 1.82 -0.29 20.34
CA LEU B 116 2.62 0.55 19.48
C LEU B 116 3.62 1.40 20.30
N VAL B 117 3.21 1.88 21.47
CA VAL B 117 4.09 2.67 22.34
C VAL B 117 5.16 1.79 23.03
N ASP B 118 4.77 0.58 23.43
CA ASP B 118 5.77 -0.39 23.87
C ASP B 118 6.81 -0.74 22.77
N MET B 119 6.40 -0.85 21.52
CA MET B 119 7.37 -1.08 20.46
C MET B 119 8.29 0.15 20.30
N ALA B 120 7.72 1.34 20.36
CA ALA B 120 8.50 2.58 20.26
C ALA B 120 9.52 2.67 21.40
N ALA B 121 9.12 2.21 22.59
CA ALA B 121 10.01 2.21 23.76
C ALA B 121 11.22 1.31 23.58
N GLN B 122 11.00 0.14 22.96
CA GLN B 122 12.08 -0.81 22.69
C GLN B 122 13.08 -0.28 21.69
N ILE B 123 12.58 0.34 20.63
CA ILE B 123 13.45 0.96 19.63
C ILE B 123 14.27 2.08 20.28
N ALA B 124 13.62 2.95 21.06
CA ALA B 124 14.33 4.04 21.75
C ALA B 124 15.39 3.51 22.70
N SER B 125 15.09 2.41 23.38
CA SER B 125 16.08 1.74 24.22
C SER B 125 17.32 1.28 23.43
N GLY B 126 17.12 0.70 22.25
CA GLY B 126 18.23 0.30 21.41
C GLY B 126 18.98 1.52 20.88
N MET B 127 18.23 2.57 20.57
CA MET B 127 18.89 3.77 20.10
C MET B 127 19.58 4.51 21.24
N ALA B 128 19.18 4.25 22.48
CA ALA B 128 19.85 4.88 23.60
C ALA B 128 21.21 4.21 23.79
N TYR B 129 21.27 2.91 23.53
CA TYR B 129 22.54 2.20 23.59
C TYR B 129 23.49 2.74 22.52
N VAL B 130 22.96 2.93 21.31
CA VAL B 130 23.69 3.50 20.18
C VAL B 130 24.20 4.89 20.50
N GLU B 131 23.36 5.66 21.19
CA GLU B 131 23.67 6.98 21.69
C GLU B 131 24.80 6.97 22.73
N ARG B 132 24.71 6.07 23.70
CA ARG B 132 25.75 5.92 24.74
C ARG B 132 27.06 5.49 24.10
N MET B 133 26.99 4.59 23.13
CA MET B 133 28.21 4.07 22.51
C MET B 133 28.76 5.05 21.50
N ASN B 134 28.08 6.19 21.37
CA ASN B 134 28.53 7.21 20.44
C ASN B 134 28.62 6.72 19.01
N TYR B 135 27.48 6.25 18.50
CA TYR B 135 27.32 5.92 17.09
C TYR B 135 26.16 6.71 16.52
N VAL B 136 26.04 6.70 15.20
CA VAL B 136 24.94 7.36 14.54
C VAL B 136 24.31 6.32 13.62
N HIS B 137 22.99 6.26 13.60
CA HIS B 137 22.35 5.25 12.78
C HIS B 137 22.26 5.71 11.32
N ARG B 138 21.67 6.89 11.11
CA ARG B 138 21.53 7.58 9.81
C ARG B 138 20.36 7.08 8.94
N ASP B 139 19.77 5.95 9.28
CA ASP B 139 18.60 5.48 8.54
C ASP B 139 17.59 4.77 9.43
N LEU B 140 17.27 5.40 10.56
CA LEU B 140 16.22 4.87 11.43
C LEU B 140 14.86 5.09 10.77
N ARG B 141 14.04 4.04 10.71
CA ARG B 141 12.75 4.06 10.03
C ARG B 141 12.17 2.65 10.13
N ALA B 142 10.86 2.50 9.96
CA ALA B 142 10.21 1.22 10.23
C ALA B 142 10.75 0.07 9.36
N ALA B 143 11.17 0.37 8.14
CA ALA B 143 11.75 -0.65 7.23
C ALA B 143 13.06 -1.24 7.76
N ASN B 144 13.70 -0.52 8.68
CA ASN B 144 14.96 -0.97 9.23
C ASN B 144 14.83 -1.50 10.66
N ILE B 145 13.61 -1.75 11.10
CA ILE B 145 13.39 -2.36 12.39
C ILE B 145 12.85 -3.74 12.16
N LEU B 146 13.29 -4.68 12.97
CA LEU B 146 12.81 -6.06 12.87
C LEU B 146 12.00 -6.47 14.10
N VAL B 147 11.00 -7.31 13.88
CA VAL B 147 10.07 -7.72 14.91
C VAL B 147 10.16 -9.21 15.18
N GLY B 148 10.09 -9.59 16.45
CA GLY B 148 10.22 -10.98 16.84
C GLY B 148 8.95 -11.47 17.51
N GLU B 149 9.05 -12.57 18.25
CA GLU B 149 7.89 -13.08 18.95
C GLU B 149 7.61 -12.17 20.13
N ASN B 150 6.35 -12.12 20.55
CA ASN B 150 5.97 -11.37 21.75
C ASN B 150 6.24 -9.88 21.53
N LEU B 151 6.08 -9.43 20.29
CA LEU B 151 6.19 -8.03 19.94
C LEU B 151 7.54 -7.42 20.28
N VAL B 152 8.58 -8.25 20.33
CA VAL B 152 9.93 -7.74 20.48
C VAL B 152 10.38 -7.02 19.20
N CYS B 153 10.97 -5.83 19.35
CA CYS B 153 11.51 -5.06 18.24
C CYS B 153 12.97 -4.77 18.44
N LYS B 154 13.76 -4.86 17.38
CA LYS B 154 15.17 -4.51 17.45
C LYS B 154 15.59 -3.71 16.23
N VAL B 155 16.58 -2.83 16.41
CA VAL B 155 17.15 -2.18 15.26
C VAL B 155 18.18 -3.14 14.60
N ALA B 156 18.09 -3.24 13.26
CA ALA B 156 19.12 -3.86 12.43
C ALA B 156 19.81 -2.72 11.68
N ASP B 157 20.46 -3.01 10.55
CA ASP B 157 20.83 -1.99 9.55
C ASP B 157 22.08 -1.14 9.89
N PHE B 158 23.28 -1.72 9.75
CA PHE B 158 24.50 -0.97 10.03
C PHE B 158 25.44 -0.81 8.81
N GLY B 159 24.91 -0.82 7.59
CA GLY B 159 25.72 -0.49 6.43
C GLY B 159 25.86 1.02 6.28
N LEU B 160 25.47 1.75 7.32
CA LEU B 160 25.31 3.20 7.28
C LEU B 160 25.59 3.88 8.63
N ALA B 161 26.49 3.30 9.44
CA ALA B 161 26.60 3.66 10.85
C ALA B 161 28.05 3.87 11.35
N ARG B 162 28.39 5.12 11.66
CA ARG B 162 29.73 5.40 12.20
C ARG B 162 29.76 6.26 13.47
N LEU B 163 30.98 6.45 13.95
CA LEU B 163 31.27 6.81 15.33
C LEU B 163 31.54 8.32 15.44
N ILE B 164 31.84 8.80 16.65
CA ILE B 164 31.95 10.24 16.92
C ILE B 164 33.38 10.83 16.85
N GLU B 165 33.44 12.00 16.20
CA GLU B 165 34.67 12.72 15.88
C GLU B 165 34.47 14.23 16.07
N GLY B 174 26.17 6.48 1.20
CA GLY B 174 24.87 6.56 0.57
C GLY B 174 24.81 7.64 -0.51
N ALA B 175 23.58 7.97 -0.91
CA ALA B 175 23.29 9.04 -1.87
C ALA B 175 21.80 9.35 -1.86
N LYS B 176 21.00 8.44 -2.42
CA LYS B 176 19.56 8.66 -2.61
C LYS B 176 18.77 8.51 -1.29
N PHE B 177 19.07 9.33 -0.28
CA PHE B 177 18.44 9.11 1.02
C PHE B 177 16.92 9.30 0.96
N PRO B 178 16.19 8.60 1.85
CA PRO B 178 14.76 8.88 2.03
C PRO B 178 14.55 10.21 2.74
N ILE B 179 14.32 11.26 1.97
CA ILE B 179 14.22 12.59 2.50
C ILE B 179 13.16 12.68 3.61
N LYS B 180 12.05 11.95 3.45
CA LYS B 180 10.93 12.06 4.38
C LYS B 180 11.25 11.65 5.81
N TRP B 181 12.26 10.79 6.00
CA TRP B 181 12.66 10.39 7.34
C TRP B 181 13.91 11.15 7.84
N THR B 182 14.48 12.00 6.98
CA THR B 182 15.80 12.57 7.24
C THR B 182 15.66 13.99 7.76
N ALA B 183 16.31 14.29 8.88
CA ALA B 183 16.31 15.67 9.39
C ALA B 183 16.90 16.62 8.35
N PRO B 184 16.34 17.83 8.22
CA PRO B 184 16.79 18.84 7.25
C PRO B 184 18.30 19.12 7.30
N GLU B 185 18.89 19.40 8.45
CA GLU B 185 20.32 19.65 8.48
C GLU B 185 21.12 18.46 7.91
N ALA B 186 20.60 17.25 8.09
CA ALA B 186 21.28 16.06 7.54
C ALA B 186 21.04 15.94 6.03
N ALA B 187 19.81 16.20 5.61
CA ALA B 187 19.45 16.08 4.20
C ALA B 187 20.15 17.15 3.34
N LEU B 188 20.18 18.37 3.84
CA LEU B 188 20.73 19.50 3.10
C LEU B 188 22.24 19.66 3.24
N TYR B 189 22.77 19.44 4.44
CA TYR B 189 24.17 19.75 4.74
C TYR B 189 25.01 18.56 5.23
N GLY B 190 24.47 17.34 5.14
CA GLY B 190 25.20 16.17 5.59
C GLY B 190 25.52 16.16 7.07
N ARG B 191 24.82 16.98 7.86
CA ARG B 191 25.01 17.00 9.30
C ARG B 191 24.31 15.81 9.99
N PHE B 192 24.89 14.62 9.85
CA PHE B 192 24.31 13.40 10.42
C PHE B 192 24.77 13.13 11.86
N THR B 193 23.86 13.29 12.82
CA THR B 193 24.17 13.04 14.22
C THR B 193 23.09 12.18 14.90
N ILE B 194 23.36 11.83 16.16
CA ILE B 194 22.37 11.13 16.97
C ILE B 194 21.09 11.98 17.06
N LYS B 195 21.23 13.30 16.97
CA LYS B 195 20.07 14.20 16.96
C LYS B 195 19.31 14.15 15.64
N SER B 196 20.00 13.86 14.54
CA SER B 196 19.25 13.64 13.32
C SER B 196 18.56 12.25 13.36
N ASP B 197 19.08 11.33 14.16
CA ASP B 197 18.37 10.05 14.39
C ASP B 197 17.10 10.29 15.24
N VAL B 198 17.17 11.19 16.20
CA VAL B 198 15.99 11.54 17.00
C VAL B 198 14.90 12.10 16.09
N TRP B 199 15.28 12.91 15.10
CA TRP B 199 14.32 13.39 14.12
C TRP B 199 13.59 12.23 13.41
N SER B 200 14.36 11.20 13.02
CA SER B 200 13.82 10.07 12.28
C SER B 200 12.92 9.24 13.18
N PHE B 201 13.33 9.11 14.44
CA PHE B 201 12.49 8.46 15.44
C PHE B 201 11.11 9.12 15.50
N GLY B 202 11.04 10.45 15.52
CA GLY B 202 9.75 11.12 15.50
C GLY B 202 8.90 10.81 14.27
N ILE B 203 9.54 10.70 13.10
CA ILE B 203 8.85 10.23 11.91
C ILE B 203 8.43 8.76 12.07
N LEU B 204 9.29 7.96 12.68
CA LEU B 204 8.97 6.56 12.98
C LEU B 204 7.73 6.45 13.89
N LEU B 205 7.57 7.38 14.84
CA LEU B 205 6.37 7.38 15.70
C LEU B 205 5.10 7.60 14.88
N THR B 206 5.15 8.41 13.83
CA THR B 206 4.00 8.56 12.94
C THR B 206 3.76 7.30 12.09
N GLU B 207 4.81 6.54 11.74
CA GLU B 207 4.59 5.27 11.05
C GLU B 207 3.84 4.29 11.98
N LEU B 208 4.22 4.31 13.26
CA LEU B 208 3.61 3.41 14.24
C LEU B 208 2.14 3.73 14.42
N THR B 209 1.81 5.01 14.55
CA THR B 209 0.43 5.38 14.89
C THR B 209 -0.49 5.47 13.64
N THR B 210 0.08 5.44 12.44
CA THR B 210 -0.74 5.30 11.22
C THR B 210 -0.72 3.86 10.67
N LYS B 211 -0.08 2.96 11.40
CA LYS B 211 0.17 1.58 10.95
C LYS B 211 0.89 1.47 9.59
N GLY B 212 2.05 2.11 9.52
CA GLY B 212 2.94 1.90 8.40
C GLY B 212 2.65 2.72 7.16
N ARG B 213 1.83 3.75 7.27
CA ARG B 213 1.58 4.63 6.14
C ARG B 213 2.78 5.54 5.87
N VAL B 214 3.02 5.86 4.60
CA VAL B 214 4.13 6.75 4.26
C VAL B 214 3.89 8.15 4.83
N PRO B 215 4.93 8.74 5.43
CA PRO B 215 4.80 10.08 6.00
C PRO B 215 4.51 11.11 4.93
N TYR B 216 4.03 12.28 5.36
CA TYR B 216 3.72 13.39 4.45
C TYR B 216 2.89 12.95 3.25
N PRO B 217 1.70 12.37 3.52
CA PRO B 217 0.89 11.76 2.45
C PRO B 217 0.58 12.75 1.34
N GLY B 218 0.79 12.32 0.09
CA GLY B 218 0.52 13.15 -1.07
C GLY B 218 1.51 14.27 -1.32
N MET B 219 2.69 14.17 -0.71
CA MET B 219 3.75 15.13 -0.96
C MET B 219 4.95 14.42 -1.57
N VAL B 220 5.59 15.07 -2.53
CA VAL B 220 6.81 14.53 -3.10
C VAL B 220 8.00 15.01 -2.29
N ASN B 221 9.15 14.38 -2.49
CA ASN B 221 10.36 14.73 -1.75
C ASN B 221 10.63 16.24 -1.76
N ARG B 222 10.67 16.85 -2.94
CA ARG B 222 11.08 18.24 -3.02
C ARG B 222 10.07 19.14 -2.31
N GLU B 223 8.81 18.76 -2.34
CA GLU B 223 7.80 19.57 -1.68
C GLU B 223 7.83 19.35 -0.16
N VAL B 224 8.23 18.15 0.26
CA VAL B 224 8.49 17.86 1.67
C VAL B 224 9.61 18.74 2.23
N LEU B 225 10.64 18.91 1.41
CA LEU B 225 11.85 19.57 1.84
C LEU B 225 11.62 21.02 2.27
N ASP B 226 11.10 21.85 1.38
CA ASP B 226 10.99 23.26 1.73
C ASP B 226 9.76 23.55 2.58
N GLN B 227 8.75 22.67 2.56
CA GLN B 227 7.64 22.83 3.49
C GLN B 227 8.17 22.70 4.92
N VAL B 228 9.01 21.70 5.14
CA VAL B 228 9.55 21.44 6.47
C VAL B 228 10.48 22.59 6.89
N GLU B 229 11.19 23.18 5.93
CA GLU B 229 12.01 24.39 6.17
C GLU B 229 11.19 25.60 6.59
N ARG B 230 10.06 25.82 5.91
CA ARG B 230 9.13 26.86 6.30
C ARG B 230 8.41 26.56 7.63
N GLY B 231 8.71 25.43 8.27
CA GLY B 231 8.17 25.13 9.58
C GLY B 231 6.97 24.18 9.61
N TYR B 232 6.62 23.64 8.45
CA TYR B 232 5.58 22.64 8.41
C TYR B 232 6.03 21.40 9.20
N ARG B 233 5.08 20.81 9.91
CA ARG B 233 5.25 19.52 10.59
C ARG B 233 3.95 18.77 10.39
N MET B 234 4.02 17.44 10.27
CA MET B 234 2.81 16.64 10.18
C MET B 234 1.89 16.90 11.38
N PRO B 235 0.58 16.91 11.15
CA PRO B 235 -0.43 17.07 12.21
C PRO B 235 -0.61 15.81 13.02
N CYS B 236 -1.40 15.91 14.08
CA CYS B 236 -1.75 14.77 14.91
C CYS B 236 -2.54 13.74 14.09
N PRO B 237 -1.97 12.56 13.89
CA PRO B 237 -2.69 11.48 13.20
C PRO B 237 -3.98 11.10 13.94
N PRO B 238 -5.03 10.70 13.21
CA PRO B 238 -6.33 10.39 13.84
C PRO B 238 -6.22 9.43 15.02
N GLU B 239 -7.01 9.69 16.06
CA GLU B 239 -7.05 8.90 17.29
C GLU B 239 -5.76 8.88 18.09
N CYS B 240 -4.72 9.55 17.60
CA CYS B 240 -3.47 9.64 18.34
C CYS B 240 -3.55 10.74 19.40
N PRO B 241 -3.16 10.42 20.65
CA PRO B 241 -3.23 11.43 21.73
C PRO B 241 -2.29 12.60 21.49
N GLU B 242 -2.76 13.80 21.83
CA GLU B 242 -1.99 15.01 21.60
C GLU B 242 -0.64 14.97 22.33
N SER B 243 -0.59 14.33 23.48
CA SER B 243 0.68 14.15 24.19
C SER B 243 1.72 13.35 23.41
N LEU B 244 1.31 12.42 22.57
CA LEU B 244 2.28 11.66 21.81
C LEU B 244 2.75 12.47 20.58
N HIS B 245 1.84 13.21 19.95
CA HIS B 245 2.21 14.12 18.88
C HIS B 245 3.16 15.24 19.39
N ASP B 246 2.98 15.66 20.65
CA ASP B 246 3.88 16.63 21.26
C ASP B 246 5.32 16.12 21.31
N LEU B 247 5.46 14.84 21.66
CA LEU B 247 6.76 14.21 21.65
C LEU B 247 7.37 14.21 20.25
N MET B 248 6.54 13.94 19.24
CA MET B 248 6.99 13.97 17.85
C MET B 248 7.54 15.35 17.54
N CYS B 249 6.80 16.37 17.97
CA CYS B 249 7.19 17.76 17.73
C CYS B 249 8.49 18.15 18.44
N GLN B 250 8.78 17.55 19.59
CA GLN B 250 10.06 17.74 20.24
C GLN B 250 11.17 17.15 19.39
N CYS B 251 10.95 15.94 18.87
CA CYS B 251 11.91 15.28 17.98
C CYS B 251 12.14 16.08 16.70
N TRP B 252 11.17 16.90 16.30
CA TRP B 252 11.23 17.63 15.03
C TRP B 252 11.57 19.12 15.20
N ARG B 253 12.24 19.47 16.29
CA ARG B 253 12.70 20.85 16.46
C ARG B 253 13.74 21.18 15.41
N LYS B 254 13.70 22.42 14.92
CA LYS B 254 14.62 22.86 13.88
C LYS B 254 16.06 22.83 14.38
N ASP B 255 16.24 23.10 15.66
CA ASP B 255 17.58 23.10 16.22
C ASP B 255 17.90 21.75 16.84
N PRO B 256 18.81 21.00 16.21
CA PRO B 256 19.19 19.65 16.62
C PRO B 256 19.43 19.48 18.13
N GLU B 257 19.95 20.49 18.82
CA GLU B 257 20.33 20.30 20.22
C GLU B 257 19.18 20.45 21.21
N GLU B 258 18.05 20.97 20.76
CA GLU B 258 16.89 21.06 21.64
C GLU B 258 15.97 19.86 21.47
N ARG B 259 16.32 18.97 20.54
CA ARG B 259 15.64 17.70 20.42
C ARG B 259 16.03 16.84 21.62
N PRO B 260 15.07 16.06 22.15
CA PRO B 260 15.34 15.23 23.32
C PRO B 260 16.34 14.07 23.05
N THR B 261 16.91 13.49 24.11
CA THR B 261 17.77 12.34 23.95
C THR B 261 16.96 11.02 23.81
N PHE B 262 17.62 9.95 23.38
CA PHE B 262 16.95 8.66 23.36
C PHE B 262 16.76 8.14 24.78
N GLU B 263 17.60 8.57 25.71
CA GLU B 263 17.43 8.24 27.12
C GLU B 263 16.10 8.80 27.60
N TYR B 264 15.86 10.06 27.25
CA TYR B 264 14.59 10.71 27.59
C TYR B 264 13.39 10.02 26.93
N LEU B 265 13.45 9.89 25.60
CA LEU B 265 12.40 9.22 24.83
C LEU B 265 12.05 7.83 25.36
N GLN B 266 13.08 7.05 25.69
CA GLN B 266 12.86 5.74 26.24
C GLN B 266 12.03 5.80 27.53
N ALA B 267 12.48 6.63 28.46
CA ALA B 267 11.86 6.78 29.76
C ALA B 267 10.45 7.27 29.60
N PHE B 268 10.25 8.23 28.71
CA PHE B 268 8.92 8.77 28.46
C PHE B 268 7.95 7.69 27.92
N LEU B 269 8.40 6.89 26.96
CA LEU B 269 7.52 5.90 26.36
C LEU B 269 7.24 4.73 27.31
N GLU B 270 8.25 4.26 28.02
CA GLU B 270 8.06 3.23 29.03
C GLU B 270 6.99 3.62 30.07
N ASP B 271 6.98 4.89 30.50
CA ASP B 271 6.09 5.36 31.56
C ASP B 271 4.79 5.95 31.06
N TYR B 272 4.58 5.89 29.77
CA TYR B 272 3.53 6.67 29.13
C TYR B 272 2.13 6.53 29.73
N PHE B 273 1.70 5.31 29.97
CA PHE B 273 0.31 5.11 30.35
C PHE B 273 0.06 5.32 31.84
N THR B 274 1.08 5.70 32.59
CA THR B 274 0.90 6.03 34.00
C THR B 274 1.15 7.53 34.22
N SER B 275 2.22 8.04 33.63
CA SER B 275 2.63 9.42 33.85
C SER B 275 1.95 10.45 32.94
N THR B 276 1.57 10.02 31.73
CA THR B 276 1.19 10.95 30.67
C THR B 276 -0.25 10.72 30.20
N GLU B 277 -0.63 9.47 29.97
CA GLU B 277 -2.03 9.19 29.63
C GLU B 277 -2.64 8.17 30.56
N PRO B 278 -2.81 8.53 31.85
CA PRO B 278 -3.38 7.56 32.79
C PRO B 278 -4.84 7.24 32.45
N GLN B 279 -5.49 8.12 31.70
CA GLN B 279 -6.92 7.98 31.40
C GLN B 279 -7.18 7.33 30.04
N TYR B 280 -6.12 6.81 29.41
CA TYR B 280 -6.20 6.26 28.07
C TYR B 280 -7.32 5.24 27.93
N GLN B 281 -8.13 5.37 26.88
CA GLN B 281 -9.20 4.42 26.62
C GLN B 281 -9.14 3.97 25.16
N PRO B 282 -9.15 2.66 24.91
CA PRO B 282 -9.11 2.06 23.56
C PRO B 282 -10.14 2.63 22.61
N GLY B 283 -9.79 2.72 21.33
CA GLY B 283 -10.67 3.22 20.29
C GLY B 283 -10.74 2.23 19.15
N GLU B 284 -11.19 2.72 18.00
CA GLU B 284 -11.37 1.89 16.80
C GLU B 284 -10.06 1.34 16.25
N ASN B 285 -9.04 2.18 16.18
CA ASN B 285 -7.78 1.78 15.55
C ASN B 285 -6.56 1.98 16.43
N LEU B 286 -6.64 2.94 17.36
CA LEU B 286 -5.56 3.17 18.33
C LEU B 286 -6.08 2.93 19.75
#